data_7C53
#
_entry.id   7C53
#
_cell.length_a   133.815
_cell.length_b   138.141
_cell.length_c   71.461
_cell.angle_alpha   90.000
_cell.angle_beta   90.000
_cell.angle_gamma   90.000
#
_symmetry.space_group_name_H-M   'C 2 2 21'
#
loop_
_entity.id
_entity.type
_entity.pdbx_description
1 polymer "Spike protein S2',pan-CoVs inhibitor EK1"
2 non-polymer 'CALCIUM ION'
3 water water
#
_entity_poly.entity_id   1
_entity_poly.type   'polypeptide(L)'
_entity_poly.pdbx_seq_one_letter_code
;GVTQNVLYENQKLIANQFNSAIGKIQDSLSSTASALGKLQDVVNQNAQALNTLVKQLSSNFGAISSGGRGGSLDQINVTF
LDLEYEMKKLEEAIKKLEESYIDLKEL
;
_entity_poly.pdbx_strand_id   A,B,C,D,E,F
#
loop_
_chem_comp.id
_chem_comp.type
_chem_comp.name
_chem_comp.formula
CA non-polymer 'CALCIUM ION' 'Ca 2'
#
# COMPACT_ATOMS: atom_id res chain seq x y z
N THR A 3 40.48 0.03 16.58
CA THR A 3 39.62 -0.82 17.37
C THR A 3 38.45 -0.10 17.93
N GLN A 4 38.68 0.98 18.63
CA GLN A 4 37.64 1.89 18.98
C GLN A 4 37.00 2.34 17.68
N ASN A 5 37.82 2.60 16.69
CA ASN A 5 37.36 2.94 15.37
C ASN A 5 36.53 1.83 14.77
N VAL A 6 37.04 0.61 14.75
CA VAL A 6 36.33 -0.49 14.20
C VAL A 6 35.05 -0.83 14.90
N LEU A 7 35.01 -0.71 16.21
CA LEU A 7 33.80 -0.90 17.01
C LEU A 7 32.73 0.11 16.62
N TYR A 8 33.14 1.37 16.43
CA TYR A 8 32.18 2.40 16.03
C TYR A 8 31.65 2.15 14.61
N GLU A 9 32.56 1.77 13.68
CA GLU A 9 32.11 1.43 12.33
C GLU A 9 31.11 0.27 12.36
N ASN A 10 31.37 -0.73 13.19
CA ASN A 10 30.44 -1.85 13.33
C ASN A 10 29.12 -1.40 13.91
N GLN A 11 29.16 -0.47 14.87
CA GLN A 11 27.93 0.03 15.45
C GLN A 11 27.10 0.73 14.40
N LYS A 12 27.75 1.51 13.53
CA LYS A 12 27.02 2.19 12.47
C LYS A 12 26.53 1.21 11.42
N LEU A 13 27.30 0.16 11.13
CA LEU A 13 26.82 -0.88 10.22
C LEU A 13 25.58 -1.55 10.79
N ILE A 14 25.60 -1.85 12.09
CA ILE A 14 24.44 -2.46 12.74
C ILE A 14 23.23 -1.56 12.58
N ALA A 15 23.41 -0.26 12.84
CA ALA A 15 22.28 0.67 12.75
C ALA A 15 21.74 0.74 11.33
N ASN A 16 22.63 0.77 10.33
CA ASN A 16 22.17 0.90 8.95
C ASN A 16 21.43 -0.35 8.49
N GLN A 17 21.98 -1.53 8.79
CA GLN A 17 21.29 -2.76 8.43
C GLN A 17 19.94 -2.85 9.12
N PHE A 18 19.88 -2.44 10.40
CA PHE A 18 18.63 -2.47 11.14
C PHE A 18 17.59 -1.56 10.51
N ASN A 19 17.99 -0.35 10.14
CA ASN A 19 17.07 0.57 9.49
C ASN A 19 16.57 0.02 8.16
N SER A 20 17.46 -0.59 7.37
CA SER A 20 17.03 -1.13 6.08
C SER A 20 16.02 -2.26 6.28
N ALA A 21 16.25 -3.11 7.28
CA ALA A 21 15.28 -4.17 7.57
C ALA A 21 13.94 -3.57 8.02
N ILE A 22 13.98 -2.53 8.87
CA ILE A 22 12.73 -1.90 9.32
C ILE A 22 11.95 -1.37 8.13
N GLY A 23 12.62 -0.69 7.21
CA GLY A 23 11.94 -0.19 6.03
C GLY A 23 11.28 -1.29 5.20
N LYS A 24 12.03 -2.38 4.97
CA LYS A 24 11.47 -3.49 4.19
C LYS A 24 10.27 -4.11 4.90
N ILE A 25 10.33 -4.18 6.23
CA ILE A 25 9.23 -4.78 6.98
C ILE A 25 8.00 -3.87 6.95
N GLN A 26 8.23 -2.56 7.02
CA GLN A 26 7.13 -1.60 6.88
C GLN A 26 6.46 -1.77 5.51
N ASP A 27 7.26 -1.91 4.45
CA ASP A 27 6.71 -2.14 3.12
C ASP A 27 5.85 -3.40 3.08
N SER A 28 6.37 -4.49 3.65
CA SER A 28 5.62 -5.74 3.69
C SER A 28 4.30 -5.57 4.44
N LEU A 29 4.33 -4.83 5.56
CA LEU A 29 3.10 -4.61 6.32
C LEU A 29 2.09 -3.79 5.52
N SER A 30 2.57 -2.75 4.84
CA SER A 30 1.71 -1.97 3.95
C SER A 30 1.03 -2.86 2.91
N SER A 31 1.80 -3.73 2.26
CA SER A 31 1.21 -4.54 1.21
C SER A 31 0.27 -5.60 1.79
N THR A 32 0.55 -6.07 3.01
CA THR A 32 -0.39 -6.98 3.66
C THR A 32 -1.71 -6.29 3.97
N ALA A 33 -1.65 -5.07 4.54
CA ALA A 33 -2.88 -4.34 4.83
C ALA A 33 -3.66 -4.04 3.57
N SER A 34 -2.97 -3.65 2.50
CA SER A 34 -3.65 -3.39 1.24
C SER A 34 -4.34 -4.65 0.71
N ALA A 35 -3.65 -5.80 0.78
CA ALA A 35 -4.27 -7.04 0.36
C ALA A 35 -5.49 -7.38 1.21
N LEU A 36 -5.39 -7.16 2.53
CA LEU A 36 -6.53 -7.44 3.41
C LEU A 36 -7.73 -6.56 3.04
N GLY A 37 -7.49 -5.29 2.75
CA GLY A 37 -8.60 -4.42 2.35
C GLY A 37 -9.26 -4.87 1.06
N LYS A 38 -8.45 -5.25 0.06
CA LYS A 38 -9.01 -5.76 -1.19
C LYS A 38 -9.84 -7.02 -0.93
N LEU A 39 -9.33 -7.90 -0.05
CA LEU A 39 -10.06 -9.12 0.28
C LEU A 39 -11.42 -8.79 0.90
N GLN A 40 -11.43 -7.88 1.86
CA GLN A 40 -12.69 -7.51 2.49
C GLN A 40 -13.69 -6.98 1.45
N ASP A 41 -13.23 -6.07 0.59
CA ASP A 41 -14.12 -5.50 -0.42
C ASP A 41 -14.71 -6.60 -1.30
N VAL A 42 -13.86 -7.48 -1.84
CA VAL A 42 -14.35 -8.48 -2.79
C VAL A 42 -15.24 -9.50 -2.11
N VAL A 43 -14.85 -9.97 -0.91
CA VAL A 43 -15.66 -10.97 -0.22
C VAL A 43 -17.03 -10.39 0.14
N ASN A 44 -17.07 -9.14 0.61
CA ASN A 44 -18.35 -8.54 0.95
C ASN A 44 -19.19 -8.25 -0.28
N GLN A 45 -18.56 -7.88 -1.39
CA GLN A 45 -19.30 -7.63 -2.63
C GLN A 45 -19.93 -8.91 -3.14
N ASN A 46 -19.20 -10.03 -3.04
CA ASN A 46 -19.77 -11.30 -3.49
C ASN A 46 -20.80 -11.84 -2.51
N ALA A 47 -20.65 -11.54 -1.21
CA ALA A 47 -21.70 -11.85 -0.26
C ALA A 47 -22.97 -11.07 -0.58
N GLN A 48 -22.83 -9.80 -0.94
CA GLN A 48 -23.97 -9.00 -1.38
C GLN A 48 -24.61 -9.60 -2.62
N ALA A 49 -23.78 -10.01 -3.59
CA ALA A 49 -24.31 -10.61 -4.82
C ALA A 49 -25.10 -11.87 -4.51
N LEU A 50 -24.55 -12.75 -3.67
CA LEU A 50 -25.25 -13.96 -3.30
C LEU A 50 -26.55 -13.64 -2.57
N ASN A 51 -26.53 -12.65 -1.66
CA ASN A 51 -27.74 -12.28 -0.95
C ASN A 51 -28.80 -11.72 -1.89
N THR A 52 -28.39 -10.87 -2.84
CA THR A 52 -29.33 -10.36 -3.82
C THR A 52 -29.92 -11.48 -4.66
N LEU A 53 -29.10 -12.46 -5.05
CA LEU A 53 -29.63 -13.62 -5.77
C LEU A 53 -30.68 -14.33 -4.95
N VAL A 54 -30.41 -14.54 -3.65
CA VAL A 54 -31.38 -15.20 -2.77
C VAL A 54 -32.68 -14.40 -2.71
N LYS A 55 -32.57 -13.08 -2.54
CA LYS A 55 -33.76 -12.23 -2.43
C LYS A 55 -34.58 -12.26 -3.71
N GLN A 56 -33.93 -12.19 -4.87
CA GLN A 56 -34.67 -12.22 -6.13
C GLN A 56 -35.19 -13.62 -6.44
N LEU A 57 -34.61 -14.65 -5.86
CA LEU A 57 -35.11 -16.01 -6.03
C LEU A 57 -36.31 -16.30 -5.14
N SER A 58 -36.38 -15.68 -3.96
CA SER A 58 -37.49 -15.94 -3.05
C SER A 58 -38.75 -15.16 -3.38
N SER A 59 -38.66 -14.09 -4.17
CA SER A 59 -39.83 -13.32 -4.58
C SER A 59 -40.35 -13.68 -5.96
N ASN A 60 -39.74 -14.65 -6.63
CA ASN A 60 -40.25 -15.11 -7.92
C ASN A 60 -41.19 -16.30 -7.74
N LEU A 73 -34.92 -20.24 -0.45
CA LEU A 73 -35.38 -20.49 0.91
C LEU A 73 -34.74 -19.52 1.91
N ASP A 74 -35.36 -19.39 3.08
CA ASP A 74 -34.98 -18.40 4.08
C ASP A 74 -33.92 -18.90 5.05
N GLN A 75 -33.44 -20.12 4.89
CA GLN A 75 -32.44 -20.68 5.79
C GLN A 75 -31.01 -20.44 5.34
N ILE A 76 -30.81 -19.84 4.17
CA ILE A 76 -29.47 -19.58 3.66
C ILE A 76 -28.95 -18.31 4.32
N ASN A 77 -27.82 -18.43 5.02
CA ASN A 77 -27.27 -17.33 5.80
C ASN A 77 -25.98 -16.86 5.13
N VAL A 78 -25.98 -15.60 4.71
CA VAL A 78 -24.80 -14.95 4.15
C VAL A 78 -24.16 -14.10 5.24
N THR A 79 -22.85 -14.22 5.40
CA THR A 79 -22.13 -13.47 6.41
C THR A 79 -21.19 -12.47 5.75
N PHE A 80 -20.92 -11.38 6.44
CA PHE A 80 -20.02 -10.34 5.96
C PHE A 80 -18.80 -10.23 6.85
N LEU A 81 -17.75 -9.61 6.32
CA LEU A 81 -16.44 -9.58 6.95
C LEU A 81 -16.11 -8.16 7.40
N ASP A 82 -15.50 -8.05 8.57
CA ASP A 82 -15.01 -6.76 9.09
C ASP A 82 -13.61 -6.98 9.66
N LEU A 83 -12.59 -6.60 8.88
CA LEU A 83 -11.21 -6.74 9.26
C LEU A 83 -10.58 -5.42 9.67
N GLU A 84 -11.41 -4.44 10.00
CA GLU A 84 -10.84 -3.11 10.05
C GLU A 84 -10.03 -2.87 11.32
N TYR A 85 -10.35 -3.57 12.41
CA TYR A 85 -9.48 -3.53 13.58
C TYR A 85 -8.08 -4.08 13.24
N GLU A 86 -8.03 -5.21 12.52
CA GLU A 86 -6.74 -5.81 12.16
C GLU A 86 -5.94 -4.92 11.19
N MET A 87 -6.62 -4.32 10.20
CA MET A 87 -5.91 -3.45 9.28
C MET A 87 -5.37 -2.22 9.99
N LYS A 88 -6.16 -1.67 10.92
CA LYS A 88 -5.68 -0.54 11.69
C LYS A 88 -4.50 -0.95 12.55
N LYS A 89 -4.50 -2.19 13.06
CA LYS A 89 -3.33 -2.64 13.83
C LYS A 89 -2.09 -2.77 12.96
N LEU A 90 -2.25 -3.15 11.69
CA LEU A 90 -1.08 -3.20 10.81
C LEU A 90 -0.54 -1.80 10.55
N GLU A 91 -1.44 -0.83 10.32
CA GLU A 91 -1.00 0.55 10.14
C GLU A 91 -0.31 1.08 11.40
N GLU A 92 -0.84 0.73 12.57
CA GLU A 92 -0.22 1.12 13.83
C GLU A 92 1.18 0.51 13.96
N ALA A 93 1.34 -0.75 13.55
CA ALA A 93 2.67 -1.36 13.59
C ALA A 93 3.64 -0.60 12.69
N ILE A 94 3.18 -0.19 11.51
CA ILE A 94 4.03 0.63 10.64
C ILE A 94 4.45 1.90 11.36
N LYS A 95 3.47 2.60 11.95
CA LYS A 95 3.76 3.85 12.64
C LYS A 95 4.73 3.64 13.81
N LYS A 96 4.55 2.57 14.56
CA LYS A 96 5.41 2.32 15.73
C LYS A 96 6.81 1.94 15.30
N LEU A 97 6.94 1.16 14.22
CA LEU A 97 8.27 0.85 13.70
C LEU A 97 8.99 2.10 13.23
N GLU A 98 8.24 3.08 12.71
CA GLU A 98 8.86 4.37 12.37
C GLU A 98 9.59 4.98 13.56
N GLU A 99 9.15 4.71 14.79
CA GLU A 99 9.84 5.22 15.97
C GLU A 99 11.07 4.40 16.34
N SER A 100 11.22 3.21 15.79
CA SER A 100 12.37 2.37 16.10
C SER A 100 13.58 2.69 15.23
N TYR A 101 13.46 3.62 14.28
CA TYR A 101 14.60 3.94 13.44
C TYR A 101 15.71 4.56 14.28
N ILE A 102 16.95 4.23 13.92
CA ILE A 102 18.13 4.80 14.58
C ILE A 102 18.76 5.75 13.57
N ASP A 103 18.78 7.03 13.88
CA ASP A 103 19.38 8.00 12.98
C ASP A 103 20.85 8.11 13.38
N LEU A 104 21.72 8.15 12.37
CA LEU A 104 23.15 8.23 12.65
C LEU A 104 23.48 9.35 13.63
N LYS A 105 22.73 10.46 13.56
CA LYS A 105 22.92 11.57 14.49
C LYS A 105 22.56 11.19 15.93
N GLU A 106 21.84 10.07 16.14
CA GLU A 106 21.61 9.58 17.49
C GLU A 106 22.83 8.89 18.09
N LEU A 107 23.79 8.49 17.27
CA LEU A 107 24.96 7.78 17.76
C LEU A 107 26.08 8.75 18.17
N VAL B 2 33.10 7.57 19.51
CA VAL B 2 34.32 8.37 19.72
C VAL B 2 34.86 8.17 21.13
N THR B 3 33.98 7.85 22.07
CA THR B 3 34.39 7.47 23.41
C THR B 3 33.67 6.18 23.79
N GLN B 4 34.39 5.32 24.54
CA GLN B 4 33.82 4.04 24.94
C GLN B 4 32.52 4.19 25.72
N ASN B 5 32.37 5.26 26.50
CA ASN B 5 31.12 5.42 27.24
C ASN B 5 29.98 5.74 26.28
N VAL B 6 30.26 6.55 25.25
CA VAL B 6 29.25 6.78 24.22
C VAL B 6 28.96 5.49 23.45
N LEU B 7 30.00 4.69 23.18
CA LEU B 7 29.78 3.42 22.50
C LEU B 7 28.87 2.51 23.32
N TYR B 8 29.08 2.46 24.63
CA TYR B 8 28.26 1.65 25.52
C TYR B 8 26.81 2.14 25.53
N GLU B 9 26.62 3.46 25.67
CA GLU B 9 25.27 4.02 25.64
C GLU B 9 24.58 3.72 24.31
N ASN B 10 25.30 3.85 23.20
CA ASN B 10 24.72 3.55 21.89
C ASN B 10 24.35 2.09 21.79
N GLN B 11 25.17 1.22 22.36
CA GLN B 11 24.90 -0.21 22.35
C GLN B 11 23.59 -0.51 23.07
N LYS B 12 23.37 0.16 24.21
CA LYS B 12 22.12 -0.04 24.94
C LYS B 12 20.94 0.53 24.16
N LEU B 13 21.15 1.68 23.50
CA LEU B 13 20.09 2.26 22.69
C LEU B 13 19.69 1.32 21.54
N ILE B 14 20.69 0.75 20.86
CA ILE B 14 20.46 -0.16 19.75
C ILE B 14 19.69 -1.38 20.22
N ALA B 15 20.13 -1.97 21.33
CA ALA B 15 19.49 -3.19 21.83
C ALA B 15 18.03 -2.92 22.19
N ASN B 16 17.76 -1.77 22.82
CA ASN B 16 16.39 -1.49 23.21
C ASN B 16 15.50 -1.22 21.99
N GLN B 17 15.99 -0.47 21.01
CA GLN B 17 15.19 -0.26 19.80
C GLN B 17 14.92 -1.58 19.09
N PHE B 18 15.91 -2.49 19.05
CA PHE B 18 15.71 -3.79 18.41
C PHE B 18 14.65 -4.61 19.15
N ASN B 19 14.73 -4.67 20.48
CA ASN B 19 13.75 -5.44 21.23
C ASN B 19 12.35 -4.87 21.03
N SER B 20 12.22 -3.55 21.03
CA SER B 20 10.93 -2.93 20.82
C SER B 20 10.39 -3.22 19.42
N ALA B 21 11.26 -3.19 18.41
CA ALA B 21 10.82 -3.54 17.06
C ALA B 21 10.35 -4.99 16.98
N ILE B 22 11.08 -5.90 17.65
CA ILE B 22 10.65 -7.31 17.66
C ILE B 22 9.27 -7.44 18.28
N GLY B 23 9.00 -6.71 19.38
CA GLY B 23 7.67 -6.75 19.97
C GLY B 23 6.60 -6.28 18.99
N LYS B 24 6.88 -5.17 18.30
CA LYS B 24 5.92 -4.65 17.32
C LYS B 24 5.68 -5.64 16.18
N ILE B 25 6.73 -6.35 15.77
CA ILE B 25 6.60 -7.30 14.67
C ILE B 25 5.78 -8.51 15.11
N GLN B 26 6.00 -8.97 16.34
CA GLN B 26 5.18 -10.06 16.89
C GLN B 26 3.71 -9.67 16.92
N ASP B 27 3.42 -8.43 17.36
CA ASP B 27 2.04 -7.95 17.38
C ASP B 27 1.44 -7.96 15.98
N SER B 28 2.19 -7.46 14.99
CA SER B 28 1.67 -7.46 13.62
C SER B 28 1.38 -8.89 13.15
N LEU B 29 2.24 -9.85 13.51
CA LEU B 29 1.98 -11.24 13.12
C LEU B 29 0.70 -11.78 13.77
N SER B 30 0.50 -11.47 15.06
CA SER B 30 -0.74 -11.84 15.75
C SER B 30 -1.98 -11.28 15.03
N SER B 31 -1.94 -10.00 14.66
CA SER B 31 -3.13 -9.43 14.04
C SER B 31 -3.32 -9.97 12.63
N THR B 32 -2.23 -10.35 11.95
CA THR B 32 -2.37 -10.97 10.64
C THR B 32 -3.00 -12.35 10.76
N ALA B 33 -2.56 -13.15 11.75
CA ALA B 33 -3.16 -14.46 11.94
C ALA B 33 -4.66 -14.33 12.22
N SER B 34 -5.05 -13.36 13.06
CA SER B 34 -6.46 -13.15 13.35
C SER B 34 -7.25 -12.78 12.10
N ALA B 35 -6.70 -11.86 11.28
CA ALA B 35 -7.39 -11.50 10.05
C ALA B 35 -7.55 -12.71 9.14
N LEU B 36 -6.52 -13.55 9.05
CA LEU B 36 -6.60 -14.75 8.22
C LEU B 36 -7.68 -15.70 8.71
N GLY B 37 -7.77 -15.89 10.03
CA GLY B 37 -8.82 -16.76 10.57
C GLY B 37 -10.21 -16.23 10.26
N LYS B 38 -10.41 -14.92 10.43
CA LYS B 38 -11.70 -14.32 10.09
C LYS B 38 -12.03 -14.52 8.61
N LEU B 39 -11.02 -14.36 7.75
CA LEU B 39 -11.25 -14.54 6.32
C LEU B 39 -11.68 -15.98 6.01
N GLN B 40 -10.97 -16.96 6.59
CA GLN B 40 -11.35 -18.35 6.36
C GLN B 40 -12.78 -18.60 6.82
N ASP B 41 -13.14 -18.09 8.00
CA ASP B 41 -14.50 -18.28 8.50
C ASP B 41 -15.53 -17.75 7.50
N VAL B 42 -15.37 -16.49 7.09
CA VAL B 42 -16.41 -15.88 6.27
C VAL B 42 -16.44 -16.51 4.88
N VAL B 43 -15.27 -16.79 4.30
CA VAL B 43 -15.22 -17.36 2.96
C VAL B 43 -15.85 -18.74 2.94
N ASN B 44 -15.56 -19.56 3.95
CA ASN B 44 -16.15 -20.90 3.98
C ASN B 44 -17.64 -20.85 4.27
N GLN B 45 -18.09 -19.90 5.10
CA GLN B 45 -19.52 -19.81 5.38
C GLN B 45 -20.30 -19.37 4.15
N ASN B 46 -19.74 -18.44 3.36
CA ASN B 46 -20.41 -18.05 2.13
C ASN B 46 -20.29 -19.13 1.05
N ALA B 47 -19.22 -19.92 1.07
CA ALA B 47 -19.12 -21.08 0.19
C ALA B 47 -20.21 -22.09 0.51
N GLN B 48 -20.39 -22.40 1.78
CA GLN B 48 -21.44 -23.33 2.18
C GLN B 48 -22.82 -22.79 1.85
N ALA B 49 -23.03 -21.48 2.01
CA ALA B 49 -24.31 -20.89 1.64
C ALA B 49 -24.57 -21.07 0.16
N LEU B 50 -23.57 -20.80 -0.67
CA LEU B 50 -23.73 -20.98 -2.12
C LEU B 50 -24.00 -22.45 -2.45
N ASN B 51 -23.30 -23.36 -1.79
CA ASN B 51 -23.50 -24.78 -2.05
C ASN B 51 -24.91 -25.22 -1.66
N THR B 52 -25.40 -24.74 -0.51
CA THR B 52 -26.76 -25.05 -0.11
C THR B 52 -27.76 -24.52 -1.12
N LEU B 53 -27.55 -23.31 -1.63
CA LEU B 53 -28.43 -22.76 -2.65
C LEU B 53 -28.43 -23.62 -3.91
N VAL B 54 -27.25 -24.02 -4.36
CA VAL B 54 -27.14 -24.85 -5.55
C VAL B 54 -27.88 -26.18 -5.34
N LYS B 55 -27.77 -26.76 -4.15
CA LYS B 55 -28.45 -28.02 -3.90
C LYS B 55 -29.95 -27.85 -3.86
N GLN B 56 -30.44 -26.77 -3.23
CA GLN B 56 -31.88 -26.57 -3.17
C GLN B 56 -32.47 -26.18 -4.52
N LEU B 57 -31.66 -25.63 -5.43
CA LEU B 57 -32.13 -25.38 -6.78
C LEU B 57 -32.04 -26.63 -7.66
N SER B 58 -31.09 -27.51 -7.38
CA SER B 58 -30.96 -28.75 -8.14
C SER B 58 -31.99 -29.78 -7.69
N SER B 59 -32.57 -29.59 -6.49
CA SER B 59 -33.68 -30.39 -6.02
C SER B 59 -35.02 -29.68 -6.25
N ASN B 60 -35.00 -28.51 -6.88
CA ASN B 60 -36.18 -27.73 -7.22
C ASN B 60 -36.69 -28.06 -8.63
N LEU B 73 -26.98 -27.78 -13.37
CA LEU B 73 -26.35 -27.30 -12.15
C LEU B 73 -25.29 -28.30 -11.66
N ASP B 74 -25.06 -29.34 -12.46
CA ASP B 74 -24.02 -30.31 -12.15
C ASP B 74 -22.63 -29.70 -12.23
N GLN B 75 -22.46 -28.70 -13.08
CA GLN B 75 -21.15 -28.13 -13.38
C GLN B 75 -20.65 -27.15 -12.33
N ILE B 76 -21.45 -26.80 -11.33
CA ILE B 76 -21.09 -25.74 -10.40
C ILE B 76 -20.32 -26.34 -9.22
N ASN B 77 -19.05 -25.94 -9.09
CA ASN B 77 -18.18 -26.48 -8.05
C ASN B 77 -17.83 -25.36 -7.08
N VAL B 78 -18.18 -25.56 -5.82
CA VAL B 78 -17.80 -24.63 -4.75
C VAL B 78 -16.61 -25.24 -4.04
N THR B 79 -15.59 -24.41 -3.79
CA THR B 79 -14.40 -24.85 -3.08
C THR B 79 -14.32 -24.15 -1.74
N PHE B 80 -13.67 -24.82 -0.79
CA PHE B 80 -13.50 -24.33 0.57
C PHE B 80 -12.03 -24.06 0.84
N LEU B 81 -11.77 -23.24 1.85
CA LEU B 81 -10.44 -22.73 2.13
C LEU B 81 -9.91 -23.29 3.45
N ASP B 82 -8.63 -23.65 3.48
CA ASP B 82 -7.98 -24.12 4.71
C ASP B 82 -6.63 -23.42 4.86
N LEU B 83 -6.57 -22.43 5.75
CA LEU B 83 -5.37 -21.65 6.00
C LEU B 83 -4.65 -22.05 7.30
N GLU B 84 -4.88 -23.27 7.78
CA GLU B 84 -4.43 -23.61 9.12
C GLU B 84 -2.91 -23.73 9.20
N TYR B 85 -2.28 -24.20 8.11
CA TYR B 85 -0.82 -24.33 8.09
C TYR B 85 -0.15 -22.96 8.17
N GLU B 86 -0.64 -21.99 7.39
CA GLU B 86 -0.07 -20.65 7.40
C GLU B 86 -0.27 -19.96 8.75
N MET B 87 -1.44 -20.12 9.36
CA MET B 87 -1.68 -19.50 10.65
C MET B 87 -0.77 -20.11 11.71
N LYS B 88 -0.58 -21.42 11.67
CA LYS B 88 0.34 -22.03 12.63
C LYS B 88 1.76 -21.53 12.38
N LYS B 89 2.14 -21.31 11.13
CA LYS B 89 3.48 -20.79 10.87
C LYS B 89 3.65 -19.36 11.38
N LEU B 90 2.58 -18.55 11.33
CA LEU B 90 2.69 -17.21 11.90
C LEU B 90 2.85 -17.26 13.43
N GLU B 91 2.03 -18.10 14.10
CA GLU B 91 2.20 -18.30 15.54
C GLU B 91 3.61 -18.81 15.85
N GLU B 92 4.14 -19.66 14.98
CA GLU B 92 5.48 -20.22 15.15
C GLU B 92 6.53 -19.13 15.03
N ALA B 93 6.36 -18.22 14.08
CA ALA B 93 7.29 -17.11 13.95
C ALA B 93 7.27 -16.23 15.19
N ILE B 94 6.07 -15.99 15.75
CA ILE B 94 6.00 -15.24 17.01
C ILE B 94 6.80 -15.95 18.10
N LYS B 95 6.60 -17.26 18.23
CA LYS B 95 7.27 -17.99 19.30
C LYS B 95 8.79 -17.98 19.09
N LYS B 96 9.25 -18.17 17.85
CA LYS B 96 10.69 -18.20 17.61
C LYS B 96 11.32 -16.84 17.81
N LEU B 97 10.63 -15.78 17.40
CA LEU B 97 11.16 -14.44 17.60
C LEU B 97 11.33 -14.15 19.06
N GLU B 98 10.53 -14.78 19.92
CA GLU B 98 10.77 -14.64 21.35
C GLU B 98 12.23 -14.96 21.72
N GLU B 99 12.88 -15.86 20.99
CA GLU B 99 14.28 -16.22 21.26
C GLU B 99 15.28 -15.26 20.61
N SER B 100 14.82 -14.24 19.90
CA SER B 100 15.71 -13.30 19.25
C SER B 100 15.96 -12.05 20.08
N TYR B 101 15.35 -11.92 21.27
CA TYR B 101 15.59 -10.75 22.11
C TYR B 101 17.04 -10.69 22.58
N ILE B 102 17.53 -9.46 22.76
CA ILE B 102 18.91 -9.19 23.15
C ILE B 102 18.94 -8.85 24.64
N ASP B 103 19.67 -9.66 25.41
CA ASP B 103 19.93 -9.38 26.82
C ASP B 103 21.40 -8.96 26.98
N LEU B 104 21.70 -7.67 26.88
CA LEU B 104 23.02 -7.22 27.24
C LEU B 104 23.20 -7.29 28.75
N LYS B 105 24.44 -7.37 29.19
CA LYS B 105 24.69 -7.42 30.62
C LYS B 105 25.89 -6.53 30.96
N GLU B 106 26.21 -6.49 32.25
CA GLU B 106 27.16 -5.54 32.84
C GLU B 106 28.60 -5.78 32.39
N VAL C 2 32.61 -1.17 30.24
CA VAL C 2 33.51 -0.07 29.93
C VAL C 2 34.77 -0.60 29.25
N THR C 3 34.85 -1.93 29.17
CA THR C 3 35.97 -2.63 28.53
C THR C 3 35.72 -2.84 27.04
N GLN C 4 36.80 -2.71 26.24
CA GLN C 4 36.67 -2.97 24.81
C GLN C 4 36.24 -4.40 24.53
N ASN C 5 36.76 -5.35 25.32
CA ASN C 5 36.36 -6.74 25.14
C ASN C 5 34.86 -6.93 25.40
N VAL C 6 34.33 -6.32 26.47
CA VAL C 6 32.90 -6.44 26.75
C VAL C 6 32.08 -5.83 25.62
N LEU C 7 32.50 -4.67 25.12
CA LEU C 7 31.81 -4.05 23.98
C LEU C 7 31.82 -4.97 22.77
N TYR C 8 32.97 -5.59 22.48
CA TYR C 8 33.08 -6.48 21.32
C TYR C 8 32.16 -7.69 21.44
N GLU C 9 32.12 -8.29 22.64
CA GLU C 9 31.22 -9.42 22.87
C GLU C 9 29.76 -9.02 22.73
N ASN C 10 29.37 -7.87 23.31
CA ASN C 10 28.00 -7.41 23.15
C ASN C 10 27.66 -7.16 21.69
N GLN C 11 28.62 -6.63 20.93
CA GLN C 11 28.38 -6.34 19.52
C GLN C 11 28.12 -7.62 18.74
N LYS C 12 28.92 -8.66 19.00
CA LYS C 12 28.68 -9.93 18.35
C LYS C 12 27.31 -10.49 18.73
N LEU C 13 26.93 -10.36 20.01
CA LEU C 13 25.61 -10.81 20.45
C LEU C 13 24.49 -10.08 19.71
N ILE C 14 24.60 -8.76 19.60
CA ILE C 14 23.58 -7.97 18.93
C ILE C 14 23.44 -8.42 17.48
N ALA C 15 24.57 -8.52 16.78
CA ALA C 15 24.52 -8.90 15.36
C ALA C 15 23.93 -10.29 15.19
N ASN C 16 24.31 -11.24 16.06
CA ASN C 16 23.82 -12.60 15.92
C ASN C 16 22.32 -12.69 16.18
N GLN C 17 21.82 -11.98 17.20
CA GLN C 17 20.37 -12.00 17.45
C GLN C 17 19.60 -11.38 16.29
N PHE C 18 20.10 -10.26 15.76
CA PHE C 18 19.45 -9.62 14.61
C PHE C 18 19.38 -10.58 13.43
N ASN C 19 20.52 -11.21 13.11
CA ASN C 19 20.56 -12.15 11.99
C ASN C 19 19.59 -13.31 12.22
N SER C 20 19.50 -13.79 13.46
CA SER C 20 18.56 -14.87 13.75
C SER C 20 17.12 -14.44 13.45
N ALA C 21 16.78 -13.19 13.79
CA ALA C 21 15.43 -12.70 13.50
C ALA C 21 15.15 -12.64 12.01
N ILE C 22 16.17 -12.36 11.18
CA ILE C 22 15.94 -12.22 9.75
C ILE C 22 15.30 -13.47 9.14
N GLY C 23 15.87 -14.65 9.42
CA GLY C 23 15.32 -15.88 8.86
C GLY C 23 13.88 -16.13 9.28
N LYS C 24 13.57 -15.85 10.55
CA LYS C 24 12.21 -16.07 11.05
C LYS C 24 11.21 -15.16 10.35
N ILE C 25 11.59 -13.89 10.16
CA ILE C 25 10.69 -12.95 9.50
C ILE C 25 10.50 -13.34 8.04
N GLN C 26 11.57 -13.85 7.39
CA GLN C 26 11.45 -14.34 6.02
C GLN C 26 10.42 -15.47 5.92
N ASP C 27 10.50 -16.43 6.85
CA ASP C 27 9.50 -17.52 6.82
C ASP C 27 8.09 -16.97 7.00
N SER C 28 7.90 -16.02 7.93
CA SER C 28 6.56 -15.50 8.15
C SER C 28 6.04 -14.77 6.91
N LEU C 29 6.92 -14.05 6.21
CA LEU C 29 6.51 -13.40 4.96
C LEU C 29 6.11 -14.45 3.92
N SER C 30 6.87 -15.54 3.83
CA SER C 30 6.53 -16.55 2.83
C SER C 30 5.18 -17.20 3.13
N SER C 31 4.91 -17.46 4.41
CA SER C 31 3.62 -18.05 4.77
C SER C 31 2.47 -17.08 4.53
N THR C 32 2.69 -15.78 4.76
CA THR C 32 1.65 -14.80 4.48
C THR C 32 1.34 -14.74 2.98
N ALA C 33 2.39 -14.71 2.15
CA ALA C 33 2.16 -14.69 0.70
C ALA C 33 1.39 -15.93 0.25
N SER C 34 1.76 -17.09 0.78
CA SER C 34 1.06 -18.32 0.42
C SER C 34 -0.42 -18.26 0.84
N ALA C 35 -0.70 -17.75 2.05
CA ALA C 35 -2.08 -17.62 2.49
C ALA C 35 -2.87 -16.71 1.55
N LEU C 36 -2.27 -15.59 1.14
CA LEU C 36 -2.96 -14.69 0.21
C LEU C 36 -3.25 -15.38 -1.11
N GLY C 37 -2.30 -16.18 -1.61
CA GLY C 37 -2.54 -16.91 -2.85
C GLY C 37 -3.69 -17.88 -2.74
N LYS C 38 -3.76 -18.62 -1.62
CA LYS C 38 -4.88 -19.53 -1.39
C LYS C 38 -6.21 -18.77 -1.33
N LEU C 39 -6.21 -17.63 -0.64
CA LEU C 39 -7.43 -16.82 -0.54
C LEU C 39 -7.90 -16.37 -1.92
N GLN C 40 -6.96 -15.87 -2.74
CA GLN C 40 -7.31 -15.45 -4.09
C GLN C 40 -7.91 -16.60 -4.88
N ASP C 41 -7.26 -17.77 -4.82
CA ASP C 41 -7.77 -18.95 -5.52
C ASP C 41 -9.21 -19.23 -5.14
N VAL C 42 -9.48 -19.34 -3.84
CA VAL C 42 -10.80 -19.79 -3.39
C VAL C 42 -11.86 -18.72 -3.66
N VAL C 43 -11.55 -17.45 -3.37
CA VAL C 43 -12.53 -16.40 -3.58
C VAL C 43 -12.89 -16.29 -5.06
N ASN C 44 -11.90 -16.37 -5.94
CA ASN C 44 -12.19 -16.29 -7.37
C ASN C 44 -12.96 -17.52 -7.84
N GLN C 45 -12.62 -18.71 -7.33
CA GLN C 45 -13.36 -19.90 -7.71
C GLN C 45 -14.83 -19.80 -7.33
N ASN C 46 -15.12 -19.31 -6.13
CA ASN C 46 -16.50 -19.20 -5.69
C ASN C 46 -17.22 -18.04 -6.39
N ALA C 47 -16.49 -16.99 -6.74
CA ALA C 47 -17.07 -15.94 -7.57
C ALA C 47 -17.49 -16.50 -8.92
N GLN C 48 -16.65 -17.37 -9.51
CA GLN C 48 -16.98 -17.97 -10.79
C GLN C 48 -18.15 -18.92 -10.69
N ALA C 49 -18.22 -19.67 -9.58
CA ALA C 49 -19.38 -20.53 -9.36
C ALA C 49 -20.66 -19.71 -9.26
N LEU C 50 -20.62 -18.61 -8.51
CA LEU C 50 -21.80 -17.75 -8.37
C LEU C 50 -22.22 -17.16 -9.72
N ASN C 51 -21.25 -16.72 -10.52
CA ASN C 51 -21.55 -16.14 -11.83
C ASN C 51 -22.17 -17.17 -12.76
N THR C 52 -21.57 -18.37 -12.81
CA THR C 52 -22.11 -19.45 -13.62
C THR C 52 -23.53 -19.80 -13.17
N LEU C 53 -23.77 -19.85 -11.86
CA LEU C 53 -25.11 -20.14 -11.37
C LEU C 53 -26.10 -19.07 -11.81
N VAL C 54 -25.71 -17.79 -11.72
CA VAL C 54 -26.60 -16.70 -12.12
C VAL C 54 -27.02 -16.85 -13.57
N LYS C 55 -26.04 -17.04 -14.46
CA LYS C 55 -26.41 -17.05 -15.88
C LYS C 55 -27.10 -18.36 -16.28
N GLN C 56 -26.80 -19.48 -15.60
CA GLN C 56 -27.53 -20.71 -15.89
C GLN C 56 -28.96 -20.64 -15.37
N LEU C 57 -29.22 -19.85 -14.32
CA LEU C 57 -30.58 -19.60 -13.90
C LEU C 57 -31.29 -18.60 -14.79
N SER C 58 -30.56 -17.73 -15.48
CA SER C 58 -31.23 -16.85 -16.43
C SER C 58 -31.39 -17.53 -17.79
N SER C 59 -30.85 -18.69 -18.03
CA SER C 59 -31.09 -19.32 -19.31
C SER C 59 -32.42 -20.05 -19.28
N ASN C 60 -32.97 -20.20 -18.09
CA ASN C 60 -34.17 -20.97 -17.90
C ASN C 60 -35.25 -20.12 -17.30
N GLN C 75 -28.50 -7.74 -13.09
CA GLN C 75 -28.77 -7.06 -11.83
C GLN C 75 -27.64 -7.31 -10.83
N ILE C 76 -26.97 -8.44 -10.98
CA ILE C 76 -26.08 -8.98 -9.95
C ILE C 76 -24.64 -8.82 -10.44
N ASN C 77 -23.81 -8.16 -9.64
CA ASN C 77 -22.43 -7.89 -10.02
C ASN C 77 -21.50 -8.74 -9.15
N VAL C 78 -20.81 -9.68 -9.78
CA VAL C 78 -19.81 -10.49 -9.13
C VAL C 78 -18.44 -9.90 -9.43
N THR C 79 -17.61 -9.76 -8.40
CA THR C 79 -16.29 -9.16 -8.52
C THR C 79 -15.18 -10.18 -8.34
N PHE C 80 -14.04 -9.93 -8.96
CA PHE C 80 -12.88 -10.80 -8.83
C PHE C 80 -11.72 -10.10 -8.14
N LEU C 81 -10.81 -10.90 -7.62
CA LEU C 81 -9.70 -10.45 -6.78
C LEU C 81 -8.36 -10.68 -7.48
N ASP C 82 -7.47 -9.70 -7.36
CA ASP C 82 -6.12 -9.77 -7.91
C ASP C 82 -5.14 -9.25 -6.86
N LEU C 83 -4.44 -10.16 -6.18
CA LEU C 83 -3.47 -9.82 -5.15
C LEU C 83 -2.03 -10.06 -5.60
N GLU C 84 -1.80 -10.21 -6.92
CA GLU C 84 -0.48 -10.64 -7.39
C GLU C 84 0.60 -9.62 -7.04
N TYR C 85 0.28 -8.33 -7.12
CA TYR C 85 1.27 -7.30 -6.83
C TYR C 85 1.72 -7.36 -5.38
N GLU C 86 0.75 -7.47 -4.45
CA GLU C 86 1.09 -7.53 -3.03
C GLU C 86 1.89 -8.78 -2.71
N MET C 87 1.50 -9.93 -3.29
CA MET C 87 2.25 -11.16 -3.05
C MET C 87 3.67 -11.04 -3.56
N LYS C 88 3.85 -10.42 -4.73
CA LYS C 88 5.20 -10.24 -5.24
C LYS C 88 5.99 -9.27 -4.37
N LYS C 89 5.35 -8.24 -3.81
CA LYS C 89 6.07 -7.37 -2.88
C LYS C 89 6.54 -8.13 -1.65
N LEU C 90 5.76 -9.10 -1.20
CA LEU C 90 6.21 -9.90 -0.05
C LEU C 90 7.41 -10.76 -0.44
N GLU C 91 7.37 -11.38 -1.62
CA GLU C 91 8.54 -12.15 -2.07
C GLU C 91 9.78 -11.26 -2.21
N GLU C 92 9.61 -10.06 -2.75
CA GLU C 92 10.73 -9.14 -2.87
C GLU C 92 11.27 -8.74 -1.51
N ALA C 93 10.39 -8.57 -0.51
CA ALA C 93 10.86 -8.30 0.83
C ALA C 93 11.75 -9.43 1.34
N ILE C 94 11.37 -10.67 1.04
CA ILE C 94 12.19 -11.81 1.45
C ILE C 94 13.60 -11.68 0.86
N LYS C 95 13.68 -11.44 -0.44
CA LYS C 95 15.01 -11.34 -1.07
C LYS C 95 15.77 -10.11 -0.59
N LYS C 96 15.07 -8.99 -0.35
CA LYS C 96 15.73 -7.77 0.11
C LYS C 96 16.28 -7.94 1.52
N LEU C 97 15.54 -8.66 2.37
CA LEU C 97 16.04 -8.92 3.72
C LEU C 97 17.26 -9.79 3.70
N GLU C 98 17.39 -10.65 2.67
CA GLU C 98 18.64 -11.39 2.52
C GLU C 98 19.86 -10.46 2.56
N GLU C 99 19.69 -9.22 2.12
CA GLU C 99 20.78 -8.23 2.07
C GLU C 99 20.88 -7.38 3.33
N SER C 100 20.09 -7.65 4.36
CA SER C 100 20.18 -6.90 5.60
C SER C 100 21.02 -7.58 6.68
N TYR C 101 21.58 -8.75 6.38
CA TYR C 101 22.40 -9.46 7.35
C TYR C 101 23.63 -8.63 7.72
N ILE C 102 24.05 -8.74 8.99
CA ILE C 102 25.18 -8.00 9.51
C ILE C 102 26.40 -8.91 9.49
N ASP C 103 27.46 -8.48 8.82
CA ASP C 103 28.74 -9.17 8.83
C ASP C 103 29.77 -8.22 9.45
N LEU C 104 30.06 -8.43 10.73
CA LEU C 104 30.98 -7.56 11.45
C LEU C 104 32.41 -7.76 10.97
N LYS C 105 33.20 -6.69 11.06
CA LYS C 105 34.63 -6.75 10.83
C LYS C 105 35.31 -7.42 12.03
N GLU C 106 36.56 -7.80 11.84
CA GLU C 106 37.35 -8.56 12.81
C GLU C 106 36.78 -9.96 12.96
N THR D 3 32.84 5.24 -30.57
CA THR D 3 33.21 3.84 -30.43
C THR D 3 31.98 2.97 -30.12
N GLN D 4 31.79 1.93 -30.94
CA GLN D 4 30.68 1.00 -30.74
C GLN D 4 30.71 0.37 -29.35
N ASN D 5 31.88 0.17 -28.76
CA ASN D 5 31.94 -0.42 -27.43
C ASN D 5 31.38 0.53 -26.38
N VAL D 6 31.72 1.82 -26.47
CA VAL D 6 31.16 2.80 -25.57
C VAL D 6 29.66 2.97 -25.82
N LEU D 7 29.25 2.94 -27.09
CA LEU D 7 27.82 2.98 -27.38
C LEU D 7 27.09 1.81 -26.74
N TYR D 8 27.68 0.60 -26.81
CA TYR D 8 27.04 -0.58 -26.21
C TYR D 8 26.94 -0.46 -24.70
N GLU D 9 28.02 -0.04 -24.04
CA GLU D 9 27.97 0.12 -22.58
C GLU D 9 26.97 1.21 -22.17
N ASN D 10 26.92 2.33 -22.93
CA ASN D 10 25.92 3.36 -22.68
C ASN D 10 24.50 2.82 -22.86
N GLN D 11 24.31 1.95 -23.85
CA GLN D 11 23.00 1.36 -24.06
C GLN D 11 22.58 0.53 -22.86
N LYS D 12 23.52 -0.23 -22.29
CA LYS D 12 23.20 -1.03 -21.10
C LYS D 12 22.94 -0.15 -19.88
N LEU D 13 23.70 0.93 -19.74
CA LEU D 13 23.45 1.88 -18.65
C LEU D 13 22.05 2.46 -18.75
N ILE D 14 21.65 2.85 -19.97
CA ILE D 14 20.32 3.39 -20.22
C ILE D 14 19.26 2.37 -19.83
N ALA D 15 19.43 1.12 -20.27
CA ALA D 15 18.43 0.09 -19.96
C ALA D 15 18.30 -0.13 -18.45
N ASN D 16 19.43 -0.18 -17.75
CA ASN D 16 19.39 -0.43 -16.31
C ASN D 16 18.76 0.73 -15.55
N GLN D 17 19.14 1.96 -15.89
CA GLN D 17 18.54 3.13 -15.26
C GLN D 17 17.04 3.18 -15.51
N PHE D 18 16.63 2.89 -16.75
CA PHE D 18 15.21 2.90 -17.08
C PHE D 18 14.46 1.86 -16.26
N ASN D 19 15.01 0.65 -16.14
CA ASN D 19 14.32 -0.42 -15.43
C ASN D 19 14.10 -0.09 -13.94
N SER D 20 15.16 0.40 -13.26
CA SER D 20 14.99 0.75 -11.84
C SER D 20 14.01 1.89 -11.68
N ALA D 21 14.05 2.85 -12.61
CA ALA D 21 13.10 3.94 -12.56
C ALA D 21 11.67 3.43 -12.66
N ILE D 22 11.43 2.46 -13.54
CA ILE D 22 10.09 1.88 -13.66
C ILE D 22 9.68 1.23 -12.33
N GLY D 23 10.61 0.52 -11.69
CA GLY D 23 10.30 -0.07 -10.40
C GLY D 23 9.90 0.97 -9.36
N LYS D 24 10.68 2.05 -9.27
CA LYS D 24 10.40 3.10 -8.31
C LYS D 24 9.04 3.77 -8.58
N ILE D 25 8.71 3.93 -9.86
CA ILE D 25 7.44 4.56 -10.21
C ILE D 25 6.27 3.63 -9.87
N GLN D 26 6.46 2.33 -10.09
CA GLN D 26 5.44 1.38 -9.67
C GLN D 26 5.19 1.47 -8.17
N ASP D 27 6.26 1.56 -7.39
CA ASP D 27 6.10 1.71 -5.94
C ASP D 27 5.31 2.96 -5.59
N SER D 28 5.68 4.10 -6.20
CA SER D 28 4.99 5.35 -5.91
C SER D 28 3.49 5.25 -6.24
N LEU D 29 3.15 4.63 -7.38
CA LEU D 29 1.75 4.46 -7.72
C LEU D 29 1.03 3.57 -6.70
N SER D 30 1.70 2.51 -6.26
CA SER D 30 1.13 1.68 -5.20
C SER D 30 0.79 2.51 -3.97
N SER D 31 1.73 3.35 -3.53
CA SER D 31 1.49 4.09 -2.29
C SER D 31 0.43 5.16 -2.49
N THR D 32 0.30 5.69 -3.71
CA THR D 32 -0.79 6.62 -3.99
C THR D 32 -2.14 5.93 -3.92
N ALA D 33 -2.25 4.73 -4.51
CA ALA D 33 -3.50 3.97 -4.44
C ALA D 33 -3.85 3.63 -3.00
N SER D 34 -2.86 3.24 -2.21
CA SER D 34 -3.10 2.92 -0.81
C SER D 34 -3.65 4.12 -0.05
N ALA D 35 -3.03 5.29 -0.29
CA ALA D 35 -3.51 6.51 0.35
C ALA D 35 -4.93 6.85 -0.08
N LEU D 36 -5.24 6.70 -1.38
CA LEU D 36 -6.59 6.97 -1.85
C LEU D 36 -7.61 6.04 -1.20
N GLY D 37 -7.26 4.76 -1.03
CA GLY D 37 -8.17 3.85 -0.36
C GLY D 37 -8.42 4.23 1.09
N LYS D 38 -7.35 4.58 1.81
CA LYS D 38 -7.52 5.05 3.19
C LYS D 38 -8.42 6.29 3.24
N LEU D 39 -8.21 7.22 2.30
CA LEU D 39 -9.00 8.44 2.26
C LEU D 39 -10.47 8.12 2.02
N GLN D 40 -10.76 7.26 1.05
CA GLN D 40 -12.14 6.90 0.76
C GLN D 40 -12.79 6.30 1.99
N ASP D 41 -12.09 5.38 2.66
CA ASP D 41 -12.64 4.77 3.86
C ASP D 41 -12.97 5.82 4.91
N VAL D 42 -12.02 6.70 5.23
CA VAL D 42 -12.24 7.65 6.33
C VAL D 42 -13.31 8.67 5.98
N VAL D 43 -13.29 9.18 4.74
CA VAL D 43 -14.25 10.20 4.33
C VAL D 43 -15.68 9.64 4.37
N ASN D 44 -15.87 8.41 3.84
CA ASN D 44 -17.21 7.84 3.83
C ASN D 44 -17.66 7.46 5.23
N GLN D 45 -16.71 7.05 6.06
CA GLN D 45 -17.00 6.58 7.40
C GLN D 45 -17.46 7.76 8.25
N ASN D 46 -16.85 8.94 8.04
CA ASN D 46 -17.28 10.16 8.72
C ASN D 46 -18.54 10.78 8.09
N ALA D 47 -18.73 10.56 6.79
CA ALA D 47 -19.99 10.96 6.18
C ALA D 47 -21.15 10.20 6.78
N GLN D 48 -20.97 8.89 6.99
CA GLN D 48 -21.98 8.09 7.68
C GLN D 48 -22.17 8.57 9.11
N ALA D 49 -21.09 8.95 9.79
CA ALA D 49 -21.22 9.50 11.14
C ALA D 49 -22.08 10.77 11.14
N LEU D 50 -21.81 11.69 10.21
CA LEU D 50 -22.57 12.92 10.13
C LEU D 50 -24.04 12.65 9.82
N ASN D 51 -24.28 11.72 8.90
CA ASN D 51 -25.66 11.37 8.54
C ASN D 51 -26.41 10.79 9.72
N THR D 52 -25.78 9.90 10.47
CA THR D 52 -26.40 9.32 11.65
C THR D 52 -26.72 10.38 12.69
N LEU D 53 -25.78 11.33 12.90
CA LEU D 53 -26.04 12.42 13.82
C LEU D 53 -27.25 13.25 13.39
N VAL D 54 -27.32 13.61 12.11
CA VAL D 54 -28.47 14.39 11.63
C VAL D 54 -29.78 13.63 11.84
N LYS D 55 -29.77 12.34 11.53
CA LYS D 55 -30.99 11.55 11.61
C LYS D 55 -31.46 11.42 13.05
N GLN D 56 -30.56 11.11 13.97
CA GLN D 56 -30.99 10.98 15.36
C GLN D 56 -31.25 12.34 16.00
N LEU D 57 -30.75 13.42 15.40
CA LEU D 57 -31.15 14.74 15.89
C LEU D 57 -32.56 15.08 15.45
N SER D 58 -32.99 14.53 14.34
CA SER D 58 -34.28 14.86 13.77
C SER D 58 -35.40 14.11 14.47
N SER D 59 -35.02 13.35 15.47
CA SER D 59 -35.89 12.51 16.24
C SER D 59 -35.70 12.70 17.75
N ASN D 60 -35.20 13.85 18.20
CA ASN D 60 -34.99 14.03 19.63
C ASN D 60 -35.31 15.41 20.20
N ASP D 74 -32.69 19.51 9.82
CA ASP D 74 -33.50 19.76 8.63
C ASP D 74 -33.02 18.98 7.43
N GLN D 75 -32.95 19.63 6.26
CA GLN D 75 -32.64 18.96 5.00
C GLN D 75 -31.17 19.21 4.67
N ILE D 76 -30.32 18.41 5.31
CA ILE D 76 -28.87 18.50 5.21
C ILE D 76 -28.36 17.25 4.52
N ASN D 77 -27.58 17.42 3.47
CA ASN D 77 -27.20 16.33 2.58
C ASN D 77 -25.76 15.93 2.90
N VAL D 78 -25.57 14.68 3.24
CA VAL D 78 -24.25 14.10 3.35
C VAL D 78 -23.97 13.38 2.04
N THR D 79 -22.75 13.54 1.49
CA THR D 79 -22.38 12.88 0.24
C THR D 79 -21.33 11.82 0.51
N PHE D 80 -21.33 10.79 -0.34
CA PHE D 80 -20.35 9.72 -0.21
C PHE D 80 -19.45 9.68 -1.45
N LEU D 81 -18.30 9.06 -1.27
CA LEU D 81 -17.23 9.08 -2.26
C LEU D 81 -17.01 7.69 -2.83
N ASP D 82 -16.74 7.62 -4.13
CA ASP D 82 -16.40 6.36 -4.80
C ASP D 82 -15.19 6.60 -5.71
N LEU D 83 -14.03 6.11 -5.30
CA LEU D 83 -12.79 6.26 -6.06
C LEU D 83 -12.38 4.96 -6.75
N GLU D 84 -13.30 4.04 -6.97
CA GLU D 84 -12.91 2.71 -7.39
C GLU D 84 -12.39 2.71 -8.81
N TYR D 85 -12.93 3.57 -9.68
CA TYR D 85 -12.45 3.64 -11.06
C TYR D 85 -11.02 4.13 -11.11
N GLU D 86 -10.72 5.19 -10.38
CA GLU D 86 -9.37 5.73 -10.34
C GLU D 86 -8.39 4.73 -9.74
N MET D 87 -8.81 4.01 -8.68
CA MET D 87 -7.96 3.00 -8.07
C MET D 87 -7.72 1.83 -9.04
N LYS D 88 -8.74 1.44 -9.82
CA LYS D 88 -8.52 0.43 -10.85
C LYS D 88 -7.55 0.90 -11.91
N LYS D 89 -7.61 2.21 -12.25
CA LYS D 89 -6.68 2.73 -13.24
C LYS D 89 -5.24 2.77 -12.74
N LEU D 90 -5.06 3.04 -11.44
CA LEU D 90 -3.71 3.00 -10.90
C LEU D 90 -3.17 1.57 -10.87
N GLU D 91 -3.99 0.61 -10.41
CA GLU D 91 -3.56 -0.80 -10.44
C GLU D 91 -3.20 -1.24 -11.84
N GLU D 92 -4.05 -0.88 -12.81
CA GLU D 92 -3.82 -1.23 -14.20
C GLU D 92 -2.54 -0.59 -14.72
N ALA D 93 -2.29 0.65 -14.31
CA ALA D 93 -1.05 1.31 -14.71
C ALA D 93 0.16 0.54 -14.20
N ILE D 94 0.09 0.06 -12.95
CA ILE D 94 1.18 -0.78 -12.43
C ILE D 94 1.37 -2.03 -13.30
N LYS D 95 0.26 -2.75 -13.54
CA LYS D 95 0.32 -3.96 -14.36
C LYS D 95 0.90 -3.69 -15.74
N LYS D 96 0.48 -2.59 -16.37
CA LYS D 96 0.94 -2.30 -17.73
C LYS D 96 2.40 -1.88 -17.74
N LEU D 97 2.83 -1.12 -16.73
CA LEU D 97 4.25 -0.76 -16.65
C LEU D 97 5.12 -2.00 -16.52
N GLU D 98 4.58 -3.07 -15.95
CA GLU D 98 5.34 -4.32 -15.95
C GLU D 98 5.80 -4.72 -17.35
N GLU D 99 5.00 -4.40 -18.37
CA GLU D 99 5.31 -4.76 -19.75
C GLU D 99 6.22 -3.76 -20.45
N SER D 100 6.82 -2.82 -19.72
CA SER D 100 7.67 -1.81 -20.35
C SER D 100 9.15 -1.99 -20.04
N TYR D 101 9.51 -3.01 -19.26
CA TYR D 101 10.90 -3.28 -18.95
C TYR D 101 11.70 -3.63 -20.20
N ILE D 102 12.98 -3.29 -20.20
CA ILE D 102 13.88 -3.53 -21.33
C ILE D 102 14.75 -4.75 -21.00
N ASP D 103 14.71 -5.76 -21.86
CA ASP D 103 15.49 -6.98 -21.62
C ASP D 103 16.88 -6.92 -22.26
N LEU D 104 16.97 -6.48 -23.52
CA LEU D 104 18.26 -6.17 -24.17
C LEU D 104 19.20 -7.38 -24.26
N VAL E 2 27.63 -4.81 -30.28
CA VAL E 2 28.92 -4.98 -30.98
C VAL E 2 28.78 -4.71 -32.49
N THR E 3 27.72 -5.20 -33.13
CA THR E 3 27.45 -4.76 -34.51
C THR E 3 26.54 -3.53 -34.49
N GLN E 4 26.66 -2.73 -35.56
CA GLN E 4 25.79 -1.57 -35.73
C GLN E 4 24.33 -1.99 -35.77
N ASN E 5 24.04 -3.12 -36.41
CA ASN E 5 22.65 -3.58 -36.48
C ASN E 5 22.08 -3.87 -35.10
N VAL E 6 22.85 -4.56 -34.25
CA VAL E 6 22.39 -4.87 -32.89
C VAL E 6 22.14 -3.58 -32.12
N LEU E 7 23.06 -2.62 -32.23
CA LEU E 7 22.88 -1.33 -31.57
C LEU E 7 21.60 -0.64 -32.01
N TYR E 8 21.35 -0.61 -33.33
CA TYR E 8 20.14 0.06 -33.83
C TYR E 8 18.88 -0.62 -33.33
N GLU E 9 18.84 -1.96 -33.37
CA GLU E 9 17.67 -2.68 -32.90
C GLU E 9 17.43 -2.44 -31.42
N ASN E 10 18.50 -2.49 -30.62
CA ASN E 10 18.37 -2.17 -29.20
C ASN E 10 17.88 -0.74 -29.00
N GLN E 11 18.35 0.18 -29.83
CA GLN E 11 17.95 1.58 -29.71
C GLN E 11 16.45 1.73 -29.95
N LYS E 12 15.96 1.11 -31.02
CA LYS E 12 14.52 1.18 -31.32
C LYS E 12 13.71 0.54 -30.21
N LEU E 13 14.17 -0.59 -29.67
CA LEU E 13 13.48 -1.22 -28.55
C LEU E 13 13.42 -0.29 -27.35
N ILE E 14 14.54 0.35 -27.01
CA ILE E 14 14.59 1.26 -25.87
C ILE E 14 13.58 2.39 -26.05
N ALA E 15 13.60 3.01 -27.24
CA ALA E 15 12.71 4.15 -27.49
C ALA E 15 11.25 3.74 -27.40
N ASN E 16 10.90 2.57 -27.95
CA ASN E 16 9.52 2.12 -27.93
C ASN E 16 9.06 1.81 -26.51
N GLN E 17 9.90 1.15 -25.71
CA GLN E 17 9.54 0.84 -24.34
C GLN E 17 9.37 2.11 -23.50
N PHE E 18 10.27 3.08 -23.68
CA PHE E 18 10.17 4.33 -22.96
C PHE E 18 8.89 5.06 -23.32
N ASN E 19 8.56 5.14 -24.63
CA ASN E 19 7.36 5.85 -25.06
C ASN E 19 6.10 5.19 -24.50
N SER E 20 6.05 3.85 -24.51
CA SER E 20 4.92 3.13 -23.94
C SER E 20 4.77 3.43 -22.45
N ALA E 21 5.91 3.44 -21.73
CA ALA E 21 5.85 3.76 -20.31
C ALA E 21 5.34 5.18 -20.08
N ILE E 22 5.74 6.12 -20.92
CA ILE E 22 5.29 7.50 -20.79
C ILE E 22 3.77 7.58 -20.88
N GLY E 23 3.21 6.92 -21.89
CA GLY E 23 1.75 6.92 -22.03
C GLY E 23 1.04 6.36 -20.81
N LYS E 24 1.58 5.26 -20.26
CA LYS E 24 0.97 4.68 -19.07
C LYS E 24 1.03 5.63 -17.88
N ILE E 25 2.17 6.32 -17.70
CA ILE E 25 2.32 7.25 -16.59
C ILE E 25 1.37 8.44 -16.74
N GLN E 26 1.18 8.91 -17.99
CA GLN E 26 0.21 9.96 -18.24
C GLN E 26 -1.19 9.55 -17.81
N ASP E 27 -1.59 8.32 -18.17
CA ASP E 27 -2.90 7.83 -17.74
C ASP E 27 -3.03 7.82 -16.21
N SER E 28 -1.99 7.33 -15.53
CA SER E 28 -2.05 7.27 -14.07
C SER E 28 -2.11 8.66 -13.44
N LEU E 29 -1.39 9.63 -14.01
CA LEU E 29 -1.47 11.01 -13.52
C LEU E 29 -2.89 11.57 -13.69
N SER E 30 -3.52 11.27 -14.83
CA SER E 30 -4.88 11.77 -15.05
C SER E 30 -5.86 11.18 -14.04
N SER E 31 -5.72 9.88 -13.74
CA SER E 31 -6.61 9.26 -12.75
C SER E 31 -6.35 9.81 -11.35
N THR E 32 -5.10 10.10 -11.01
CA THR E 32 -4.81 10.69 -9.71
C THR E 32 -5.44 12.07 -9.59
N ALA E 33 -5.32 12.91 -10.63
CA ALA E 33 -5.96 14.22 -10.58
C ALA E 33 -7.47 14.09 -10.42
N SER E 34 -8.07 13.14 -11.14
CA SER E 34 -9.52 12.93 -11.02
C SER E 34 -9.90 12.52 -9.60
N ALA E 35 -9.11 11.64 -8.97
CA ALA E 35 -9.38 11.22 -7.60
C ALA E 35 -9.31 12.42 -6.64
N LEU E 36 -8.29 13.26 -6.79
CA LEU E 36 -8.18 14.43 -5.94
C LEU E 36 -9.35 15.39 -6.12
N GLY E 37 -9.81 15.56 -7.37
CA GLY E 37 -10.99 16.40 -7.60
C GLY E 37 -12.24 15.87 -6.92
N LYS E 38 -12.45 14.55 -7.02
CA LYS E 38 -13.59 13.95 -6.34
C LYS E 38 -13.49 14.14 -4.82
N LEU E 39 -12.29 13.99 -4.28
CA LEU E 39 -12.07 14.19 -2.86
C LEU E 39 -12.41 15.61 -2.45
N GLN E 40 -11.93 16.60 -3.21
CA GLN E 40 -12.25 17.98 -2.91
C GLN E 40 -13.75 18.20 -2.89
N ASP E 41 -14.45 17.69 -3.92
CA ASP E 41 -15.91 17.84 -3.99
C ASP E 41 -16.59 17.31 -2.73
N VAL E 42 -16.32 16.04 -2.38
CA VAL E 42 -17.05 15.40 -1.28
C VAL E 42 -16.67 16.02 0.06
N VAL E 43 -15.36 16.26 0.27
CA VAL E 43 -14.94 16.82 1.55
C VAL E 43 -15.56 18.18 1.76
N ASN E 44 -15.60 19.02 0.72
CA ASN E 44 -16.19 20.35 0.88
C ASN E 44 -17.70 20.27 1.05
N GLN E 45 -18.38 19.37 0.33
CA GLN E 45 -19.82 19.20 0.54
C GLN E 45 -20.12 18.78 1.99
N ASN E 46 -19.36 17.82 2.51
CA ASN E 46 -19.62 17.37 3.89
C ASN E 46 -19.19 18.42 4.92
N ALA E 47 -18.17 19.22 4.59
CA ALA E 47 -17.81 20.33 5.45
C ALA E 47 -18.94 21.35 5.53
N GLN E 48 -19.52 21.71 4.38
CA GLN E 48 -20.60 22.68 4.42
C GLN E 48 -21.84 22.09 5.07
N ALA E 49 -22.11 20.80 4.88
CA ALA E 49 -23.22 20.18 5.58
C ALA E 49 -23.03 20.26 7.09
N LEU E 50 -21.81 19.95 7.57
CA LEU E 50 -21.54 20.04 9.00
C LEU E 50 -21.70 21.47 9.51
N ASN E 51 -21.21 22.44 8.74
CA ASN E 51 -21.33 23.83 9.16
C ASN E 51 -22.79 24.26 9.24
N THR E 52 -23.58 23.87 8.24
CA THR E 52 -25.01 24.14 8.26
C THR E 52 -25.67 23.51 9.48
N LEU E 53 -25.31 22.28 9.82
CA LEU E 53 -25.86 21.64 11.01
C LEU E 53 -25.53 22.44 12.26
N VAL E 54 -24.27 22.86 12.39
CA VAL E 54 -23.87 23.65 13.55
C VAL E 54 -24.67 24.94 13.62
N LYS E 55 -24.87 25.61 12.48
CA LYS E 55 -25.58 26.88 12.49
C LYS E 55 -27.07 26.71 12.79
N GLN E 56 -27.67 25.60 12.35
CA GLN E 56 -29.06 25.35 12.69
C GLN E 56 -29.22 24.97 14.15
N LEU E 57 -28.20 24.36 14.75
CA LEU E 57 -28.20 24.15 16.19
C LEU E 57 -27.88 25.41 16.98
N SER E 58 -27.23 26.38 16.35
CA SER E 58 -26.96 27.66 16.99
C SER E 58 -28.10 28.66 16.83
N SER E 59 -29.00 28.45 15.91
CA SER E 59 -30.08 29.38 15.82
C SER E 59 -31.26 28.87 16.60
N ASN E 60 -31.13 27.72 17.22
CA ASN E 60 -32.24 27.18 17.98
C ASN E 60 -32.02 27.15 19.48
N PHE E 61 -30.82 27.53 19.89
CA PHE E 61 -30.61 27.88 21.26
C PHE E 61 -30.19 29.36 21.33
N ASP E 74 -19.42 27.78 19.05
CA ASP E 74 -18.29 28.57 18.55
C ASP E 74 -17.00 27.80 18.78
N GLN E 75 -17.05 26.86 19.71
CA GLN E 75 -16.02 25.83 19.82
C GLN E 75 -15.79 25.10 18.50
N ILE E 76 -16.77 25.10 17.60
CA ILE E 76 -16.82 24.19 16.46
C ILE E 76 -16.41 25.00 15.23
N ASN E 77 -15.35 24.56 14.55
CA ASN E 77 -14.93 25.25 13.35
C ASN E 77 -14.54 24.27 12.26
N VAL E 78 -15.14 24.48 11.08
CA VAL E 78 -15.05 23.57 9.95
C VAL E 78 -14.15 24.19 8.90
N THR E 79 -13.30 23.36 8.30
CA THR E 79 -12.33 23.77 7.30
C THR E 79 -12.73 23.24 5.93
N PHE E 80 -12.35 24.00 4.91
CA PHE E 80 -12.58 23.61 3.52
C PHE E 80 -11.26 23.33 2.82
N LEU E 81 -11.36 22.59 1.73
CA LEU E 81 -10.18 22.07 1.04
C LEU E 81 -10.05 22.73 -0.32
N ASP E 82 -8.81 23.08 -0.67
CA ASP E 82 -8.49 23.65 -1.98
C ASP E 82 -7.24 22.94 -2.52
N LEU E 83 -7.44 22.03 -3.48
CA LEU E 83 -6.37 21.29 -4.11
C LEU E 83 -6.14 21.71 -5.56
N GLU E 84 -6.70 22.84 -5.99
CA GLU E 84 -6.66 23.19 -7.41
C GLU E 84 -5.23 23.36 -7.92
N TYR E 85 -4.33 23.90 -7.09
CA TYR E 85 -2.95 24.09 -7.54
C TYR E 85 -2.27 22.75 -7.84
N GLU E 86 -2.44 21.77 -6.93
CA GLU E 86 -1.81 20.47 -7.13
C GLU E 86 -2.38 19.74 -8.35
N MET E 87 -3.70 19.82 -8.54
CA MET E 87 -4.32 19.23 -9.72
C MET E 87 -3.82 19.88 -11.00
N LYS E 88 -3.68 21.21 -10.97
CA LYS E 88 -3.09 21.93 -12.09
C LYS E 88 -1.69 21.43 -12.38
N LYS E 89 -0.87 21.22 -11.34
CA LYS E 89 0.49 20.72 -11.56
C LYS E 89 0.48 19.31 -12.15
N LEU E 90 -0.50 18.48 -11.78
CA LEU E 90 -0.60 17.15 -12.39
C LEU E 90 -0.95 17.24 -13.87
N GLU E 91 -1.92 18.09 -14.23
CA GLU E 91 -2.24 18.28 -15.64
C GLU E 91 -1.02 18.80 -16.41
N GLU E 92 -0.28 19.73 -15.80
CA GLU E 92 0.91 20.25 -16.44
C GLU E 92 1.96 19.15 -16.65
N ALA E 93 2.07 18.24 -15.67
CA ALA E 93 2.98 17.12 -15.85
C ALA E 93 2.57 16.25 -17.03
N ILE E 94 1.26 16.02 -17.20
CA ILE E 94 0.79 15.25 -18.35
C ILE E 94 1.23 15.92 -19.65
N LYS E 95 0.94 17.22 -19.78
CA LYS E 95 1.27 17.93 -21.01
C LYS E 95 2.78 18.02 -21.25
N LYS E 96 3.57 18.17 -20.18
CA LYS E 96 5.01 18.26 -20.33
C LYS E 96 5.61 16.91 -20.71
N LEU E 97 5.07 15.83 -20.15
CA LEU E 97 5.53 14.50 -20.54
C LEU E 97 5.21 14.24 -22.00
N GLU E 98 4.16 14.88 -22.51
CA GLU E 98 3.88 14.77 -23.94
C GLU E 98 5.11 15.07 -24.81
N GLU E 99 6.00 15.96 -24.38
CA GLU E 99 7.19 16.15 -25.20
C GLU E 99 8.42 15.35 -24.76
N SER E 100 8.28 14.39 -23.85
CA SER E 100 9.46 13.59 -23.56
C SER E 100 9.54 12.39 -24.47
N TYR E 101 8.61 12.27 -25.41
CA TYR E 101 8.61 11.17 -26.35
C TYR E 101 9.85 11.20 -27.23
N ILE E 102 10.36 10.02 -27.57
CA ILE E 102 11.57 9.88 -28.36
C ILE E 102 11.16 9.59 -29.80
N ASP E 103 11.64 10.41 -30.73
CA ASP E 103 11.49 10.14 -32.17
C ASP E 103 12.89 9.95 -32.74
N LEU E 104 13.27 8.69 -32.90
CA LEU E 104 14.60 8.35 -33.37
C LEU E 104 14.77 8.69 -34.84
N LYS E 105 16.01 9.00 -35.21
CA LYS E 105 16.40 9.10 -36.61
C LYS E 105 16.57 7.69 -37.19
N GLU E 106 16.23 7.54 -38.46
CA GLU E 106 16.37 6.25 -39.12
C GLU E 106 17.74 6.13 -39.77
N THR F 3 26.10 6.27 -39.90
CA THR F 3 25.42 5.33 -39.01
C THR F 3 25.92 5.47 -37.57
N GLN F 4 27.24 5.45 -37.38
CA GLN F 4 27.78 5.57 -36.03
C GLN F 4 27.41 6.93 -35.43
N ASN F 5 27.47 7.98 -36.25
CA ASN F 5 27.06 9.31 -35.82
C ASN F 5 25.56 9.34 -35.51
N VAL F 6 24.74 8.74 -36.37
CA VAL F 6 23.30 8.71 -36.14
C VAL F 6 22.98 7.95 -34.86
N LEU F 7 23.65 6.81 -34.65
CA LEU F 7 23.46 6.06 -33.41
C LEU F 7 23.82 6.91 -32.19
N TYR F 8 24.94 7.62 -32.26
CA TYR F 8 25.35 8.44 -31.12
C TYR F 8 24.33 9.54 -30.84
N GLU F 9 23.84 10.20 -31.91
CA GLU F 9 22.85 11.25 -31.73
C GLU F 9 21.57 10.71 -31.11
N ASN F 10 21.10 9.55 -31.60
CA ASN F 10 19.89 8.94 -31.06
C ASN F 10 20.07 8.55 -29.60
N GLN F 11 21.27 8.08 -29.24
CA GLN F 11 21.53 7.72 -27.86
C GLN F 11 21.44 8.95 -26.96
N LYS F 12 22.09 10.04 -27.37
CA LYS F 12 22.01 11.27 -26.59
C LYS F 12 20.58 11.77 -26.48
N LEU F 13 19.82 11.66 -27.57
CA LEU F 13 18.40 12.04 -27.55
C LEU F 13 17.65 11.22 -26.52
N ILE F 14 17.88 9.90 -26.51
CA ILE F 14 17.21 9.02 -25.56
C ILE F 14 17.51 9.45 -24.14
N ALA F 15 18.79 9.68 -23.84
CA ALA F 15 19.19 10.05 -22.48
C ALA F 15 18.57 11.38 -22.05
N ASN F 16 18.54 12.37 -22.96
CA ASN F 16 18.00 13.67 -22.62
C ASN F 16 16.49 13.61 -22.38
N GLN F 17 15.77 12.88 -23.24
CA GLN F 17 14.34 12.73 -23.05
C GLN F 17 14.02 12.02 -21.75
N PHE F 18 14.79 10.97 -21.43
CA PHE F 18 14.59 10.25 -20.19
C PHE F 18 14.82 11.14 -18.97
N ASN F 19 15.93 11.90 -18.97
CA ASN F 19 16.23 12.75 -17.84
C ASN F 19 15.15 13.81 -17.63
N SER F 20 14.68 14.43 -18.73
CA SER F 20 13.62 15.43 -18.60
C SER F 20 12.34 14.80 -18.05
N ALA F 21 11.99 13.61 -18.53
CA ALA F 21 10.80 12.94 -18.02
C ALA F 21 10.93 12.62 -16.52
N ILE F 22 12.15 12.26 -16.09
CA ILE F 22 12.38 12.01 -14.67
C ILE F 22 12.07 13.26 -13.85
N GLY F 23 12.57 14.42 -14.30
CA GLY F 23 12.29 15.65 -13.58
C GLY F 23 10.79 15.95 -13.48
N LYS F 24 10.07 15.77 -14.60
CA LYS F 24 8.63 16.02 -14.60
C LYS F 24 7.89 15.08 -13.66
N ILE F 25 8.30 13.80 -13.62
CA ILE F 25 7.64 12.83 -12.75
C ILE F 25 7.91 13.13 -11.28
N GLN F 26 9.13 13.57 -10.96
CA GLN F 26 9.46 13.98 -9.60
C GLN F 26 8.55 15.12 -9.16
N ASP F 27 8.37 16.11 -10.04
CA ASP F 27 7.47 17.22 -9.72
C ASP F 27 6.06 16.71 -9.46
N SER F 28 5.59 15.77 -10.29
CA SER F 28 4.23 15.27 -10.10
C SER F 28 4.08 14.54 -8.76
N LEU F 29 5.10 13.77 -8.37
CA LEU F 29 5.06 13.08 -7.08
C LEU F 29 5.02 14.08 -5.93
N SER F 30 5.80 15.16 -6.03
CA SER F 30 5.80 16.15 -4.96
C SER F 30 4.45 16.82 -4.82
N SER F 31 3.80 17.13 -5.95
CA SER F 31 2.47 17.72 -5.88
C SER F 31 1.46 16.75 -5.29
N THR F 32 1.60 15.46 -5.61
CA THR F 32 0.69 14.47 -5.02
C THR F 32 0.87 14.39 -3.51
N ALA F 33 2.12 14.37 -3.04
CA ALA F 33 2.36 14.36 -1.59
C ALA F 33 1.77 15.60 -0.92
N SER F 34 1.91 16.77 -1.57
CA SER F 34 1.34 17.99 -1.00
C SER F 34 -0.18 17.89 -0.88
N ALA F 35 -0.83 17.39 -1.93
CA ALA F 35 -2.27 17.19 -1.91
C ALA F 35 -2.68 16.24 -0.80
N LEU F 36 -1.93 15.15 -0.61
CA LEU F 36 -2.24 14.21 0.47
C LEU F 36 -2.10 14.86 1.84
N GLY F 37 -1.08 15.71 2.03
CA GLY F 37 -0.95 16.42 3.30
C GLY F 37 -2.12 17.35 3.57
N LYS F 38 -2.54 18.11 2.55
CA LYS F 38 -3.69 19.00 2.73
C LYS F 38 -4.95 18.20 3.06
N LEU F 39 -5.13 17.06 2.37
CA LEU F 39 -6.28 16.20 2.61
C LEU F 39 -6.29 15.69 4.04
N GLN F 40 -5.13 15.20 4.51
CA GLN F 40 -5.06 14.72 5.88
C GLN F 40 -5.43 15.82 6.88
N ASP F 41 -4.85 17.02 6.69
CA ASP F 41 -5.16 18.13 7.60
C ASP F 41 -6.66 18.42 7.62
N VAL F 42 -7.28 18.62 6.45
CA VAL F 42 -8.68 19.05 6.44
C VAL F 42 -9.60 17.94 6.93
N VAL F 43 -9.37 16.71 6.50
CA VAL F 43 -10.23 15.59 6.92
C VAL F 43 -10.14 15.41 8.43
N ASN F 44 -8.92 15.48 8.99
CA ASN F 44 -8.79 15.30 10.44
C ASN F 44 -9.40 16.47 11.19
N GLN F 45 -9.28 17.68 10.66
CA GLN F 45 -9.90 18.84 11.31
C GLN F 45 -11.41 18.70 11.34
N ASN F 46 -12.02 18.29 10.23
CA ASN F 46 -13.47 18.14 10.21
C ASN F 46 -13.94 16.93 11.01
N ALA F 47 -13.13 15.87 11.07
CA ALA F 47 -13.46 14.75 11.95
C ALA F 47 -13.47 15.19 13.39
N GLN F 48 -12.49 15.99 13.79
CA GLN F 48 -12.45 16.45 15.17
C GLN F 48 -13.60 17.41 15.47
N ALA F 49 -13.95 18.27 14.51
CA ALA F 49 -15.11 19.15 14.71
C ALA F 49 -16.38 18.34 14.92
N LEU F 50 -16.60 17.32 14.08
CA LEU F 50 -17.78 16.46 14.22
C LEU F 50 -17.77 15.74 15.56
N ASN F 51 -16.59 15.24 15.99
CA ASN F 51 -16.49 14.51 17.24
C ASN F 51 -16.82 15.41 18.45
N THR F 52 -16.25 16.61 18.48
CA THR F 52 -16.59 17.55 19.54
C THR F 52 -18.08 17.90 19.51
N LEU F 53 -18.66 18.10 18.32
CA LEU F 53 -20.08 18.40 18.24
C LEU F 53 -20.90 17.28 18.87
N VAL F 54 -20.56 16.02 18.56
CA VAL F 54 -21.28 14.89 19.16
C VAL F 54 -21.12 14.90 20.67
N LYS F 55 -19.88 15.03 21.16
CA LYS F 55 -19.64 14.96 22.60
C LYS F 55 -20.39 16.07 23.35
N GLN F 56 -20.39 17.29 22.82
CA GLN F 56 -21.02 18.41 23.52
C GLN F 56 -22.52 18.42 23.32
N LEU F 57 -23.02 17.80 22.25
CA LEU F 57 -24.46 17.57 22.15
C LEU F 57 -24.90 16.49 23.13
N SER F 58 -23.96 15.65 23.59
CA SER F 58 -24.23 14.68 24.62
C SER F 58 -24.16 15.29 26.01
N SER F 59 -24.26 16.62 26.09
CA SER F 59 -24.49 17.33 27.33
C SER F 59 -25.94 17.24 27.76
N ASN F 60 -26.78 16.62 26.94
CA ASN F 60 -28.23 16.66 27.09
C ASN F 60 -28.79 15.27 27.39
N LEU F 73 -26.17 10.43 22.12
CA LEU F 73 -25.41 10.40 20.88
C LEU F 73 -24.13 9.60 21.04
N ASP F 74 -23.98 8.94 22.19
CA ASP F 74 -22.79 8.14 22.46
C ASP F 74 -22.83 6.82 21.69
N GLN F 75 -23.00 6.92 20.38
CA GLN F 75 -23.04 5.74 19.52
C GLN F 75 -22.55 6.06 18.11
N ILE F 76 -21.85 7.18 17.97
CA ILE F 76 -21.32 7.60 16.68
C ILE F 76 -19.80 7.49 16.65
N ASN F 77 -19.29 6.72 15.70
CA ASN F 77 -17.85 6.54 15.56
C ASN F 77 -17.32 7.54 14.54
N VAL F 78 -16.35 8.35 14.95
CA VAL F 78 -15.63 9.21 14.04
C VAL F 78 -14.20 8.69 13.94
N THR F 79 -13.70 8.57 12.71
CA THR F 79 -12.36 8.05 12.46
C THR F 79 -11.46 9.15 11.95
N PHE F 80 -10.17 9.01 12.24
CA PHE F 80 -9.16 9.94 11.79
C PHE F 80 -8.22 9.25 10.80
N LEU F 81 -7.49 10.07 10.05
CA LEU F 81 -6.67 9.61 8.94
C LEU F 81 -5.19 9.80 9.25
N ASP F 82 -4.38 8.80 8.88
CA ASP F 82 -2.93 8.85 9.04
C ASP F 82 -2.31 8.38 7.71
N LEU F 83 -1.80 9.34 6.94
CA LEU F 83 -1.19 9.07 5.65
C LEU F 83 0.33 9.27 5.65
N GLU F 84 0.97 9.33 6.82
CA GLU F 84 2.39 9.71 6.87
C GLU F 84 3.28 8.70 6.17
N TYR F 85 2.99 7.40 6.30
CA TYR F 85 3.83 6.41 5.64
C TYR F 85 3.78 6.56 4.12
N GLU F 86 2.58 6.79 3.58
CA GLU F 86 2.44 6.96 2.13
C GLU F 86 3.17 8.20 1.63
N MET F 87 3.08 9.31 2.38
CA MET F 87 3.81 10.52 2.00
C MET F 87 5.31 10.30 2.04
N LYS F 88 5.80 9.62 3.09
CA LYS F 88 7.20 9.24 3.15
C LYS F 88 7.60 8.43 1.93
N LYS F 89 6.77 7.49 1.52
CA LYS F 89 7.12 6.69 0.33
C LYS F 89 7.13 7.53 -0.94
N LEU F 90 6.27 8.54 -1.05
CA LEU F 90 6.33 9.42 -2.22
C LEU F 90 7.62 10.26 -2.22
N GLU F 91 7.99 10.80 -1.06
CA GLU F 91 9.26 11.53 -0.94
C GLU F 91 10.45 10.62 -1.25
N GLU F 92 10.40 9.37 -0.77
CA GLU F 92 11.46 8.42 -1.07
C GLU F 92 11.53 8.13 -2.56
N ALA F 93 10.37 8.04 -3.23
CA ALA F 93 10.39 7.82 -4.67
C ALA F 93 11.09 8.98 -5.38
N ILE F 94 10.83 10.21 -4.93
CA ILE F 94 11.53 11.36 -5.50
C ILE F 94 13.04 11.22 -5.33
N LYS F 95 13.46 10.96 -4.08
CA LYS F 95 14.89 10.84 -3.80
C LYS F 95 15.54 9.72 -4.60
N LYS F 96 14.85 8.59 -4.75
CA LYS F 96 15.40 7.46 -5.47
C LYS F 96 15.47 7.73 -6.97
N LEU F 97 14.47 8.44 -7.50
CA LEU F 97 14.51 8.78 -8.92
C LEU F 97 15.67 9.70 -9.23
N GLU F 98 16.09 10.51 -8.26
CA GLU F 98 17.30 11.34 -8.44
C GLU F 98 18.49 10.50 -8.88
N GLU F 99 18.56 9.23 -8.48
CA GLU F 99 19.70 8.40 -8.85
C GLU F 99 19.51 7.65 -10.15
N SER F 100 18.42 7.88 -10.87
CA SER F 100 18.21 7.22 -12.15
C SER F 100 18.63 8.10 -13.32
N TYR F 101 19.20 9.28 -13.06
CA TYR F 101 19.66 10.12 -14.15
C TYR F 101 20.80 9.44 -14.90
N ILE F 102 20.82 9.65 -16.21
CA ILE F 102 21.80 9.04 -17.10
C ILE F 102 22.88 10.07 -17.41
N ASP F 103 24.13 9.68 -17.20
CA ASP F 103 25.29 10.45 -17.65
C ASP F 103 26.06 9.55 -18.61
N LEU F 104 25.90 9.78 -19.91
CA LEU F 104 26.53 8.93 -20.90
C LEU F 104 28.06 9.11 -20.90
N LYS F 105 28.76 8.03 -21.21
CA LYS F 105 30.20 8.07 -21.39
C LYS F 105 30.59 8.72 -22.71
N GLU F 106 31.86 9.11 -22.79
CA GLU F 106 32.48 9.66 -24.00
C GLU F 106 31.69 10.84 -24.57
CA CA G . -10.82 -0.34 2.26
CA CA H . 11.72 9.31 -37.15
#